data_8K9O
#
_entry.id   8K9O
#
_cell.length_a   64.273
_cell.length_b   64.273
_cell.length_c   84.116
_cell.angle_alpha   90.000
_cell.angle_beta   90.000
_cell.angle_gamma   90.000
#
_symmetry.space_group_name_H-M   'P 43 21 2'
#
loop_
_entity.id
_entity.type
_entity.pdbx_description
1 polymer 'histidine kinase'
2 non-polymer PHYCOCYANOBILIN
3 water water
#
_entity_poly.entity_id   1
_entity_poly.type   'polypeptide(L)'
_entity_poly.pdbx_seq_one_letter_code
;GPSAGLSMQAELRQQQQRVELFSEVTLKIRQSLQLKEILHTTVTEVQRILQADRVLIYHVLPDGTGKTISESVLPDYPTL
MDLEFPQEVFPQEYQQLYAQGRVRAIADVHDPTAGLAECLVEFVDQFHIKAKLIVPIVQNLNANSQNQLWGLLIAHQCDS
VRQWVDFELELMQQLADQISIALSQAQLLGRLEE
;
_entity_poly.pdbx_strand_id   A
#
loop_
_chem_comp.id
_chem_comp.type
_chem_comp.name
_chem_comp.formula
CYC non-polymer PHYCOCYANOBILIN 'C33 H40 N4 O6'
#
# COMPACT_ATOMS: atom_id res chain seq x y z
N SER A 3 10.65 -37.21 48.95
CA SER A 3 11.39 -36.82 47.71
C SER A 3 10.91 -35.44 47.20
N ALA A 4 11.13 -35.17 45.92
CA ALA A 4 10.94 -33.85 45.28
C ALA A 4 11.38 -33.95 43.82
N GLY A 5 11.15 -32.88 43.06
CA GLY A 5 11.52 -32.79 41.64
C GLY A 5 10.30 -32.89 40.76
N LEU A 6 9.10 -32.98 41.37
CA LEU A 6 7.80 -33.14 40.65
C LEU A 6 7.48 -31.86 39.86
N SER A 7 7.91 -30.68 40.33
CA SER A 7 7.58 -29.41 39.63
C SER A 7 8.44 -29.25 38.36
N MET A 8 9.67 -29.79 38.35
CA MET A 8 10.68 -29.64 37.26
C MET A 8 10.11 -30.10 35.91
N GLN A 9 9.50 -31.28 35.86
CA GLN A 9 9.03 -31.92 34.60
C GLN A 9 7.51 -31.72 34.47
N ALA A 10 6.84 -31.10 35.45
CA ALA A 10 5.43 -30.65 35.33
C ALA A 10 5.36 -29.12 35.11
N GLU A 11 4.87 -28.35 36.09
CA GLU A 11 4.37 -26.97 35.83
C GLU A 11 5.55 -26.01 35.50
N LEU A 12 6.73 -26.18 36.08
CA LEU A 12 7.90 -25.30 35.71
C LEU A 12 8.31 -25.54 34.26
N ARG A 13 8.36 -26.77 33.76
CA ARG A 13 8.73 -26.98 32.33
C ARG A 13 7.58 -26.48 31.43
N GLN A 14 6.32 -26.67 31.85
CA GLN A 14 5.15 -26.10 31.12
C GLN A 14 5.34 -24.60 31.00
N GLN A 15 5.62 -23.92 32.12
CA GLN A 15 5.77 -22.44 32.15
C GLN A 15 6.96 -22.07 31.26
N GLN A 16 8.03 -22.90 31.17
CA GLN A 16 9.26 -22.53 30.40
C GLN A 16 8.95 -22.49 28.90
N GLN A 17 8.23 -23.51 28.41
CA GLN A 17 7.76 -23.54 27.02
C GLN A 17 6.93 -22.28 26.77
N ARG A 18 6.05 -21.93 27.71
CA ARG A 18 5.18 -20.75 27.56
C ARG A 18 6.05 -19.48 27.51
N VAL A 19 7.09 -19.40 28.34
CA VAL A 19 8.00 -18.21 28.26
C VAL A 19 8.63 -18.12 26.87
N GLU A 20 9.11 -19.22 26.31
CA GLU A 20 9.80 -19.21 24.98
C GLU A 20 8.80 -18.80 23.92
N LEU A 21 7.57 -19.32 23.97
CA LEU A 21 6.54 -18.96 22.97
C LEU A 21 6.17 -17.47 23.12
N PHE A 22 6.10 -16.95 24.34
CA PHE A 22 5.80 -15.53 24.59
C PHE A 22 6.89 -14.65 23.98
N SER A 23 8.15 -15.02 24.15
CA SER A 23 9.29 -14.28 23.53
C SER A 23 9.08 -14.20 22.02
N GLU A 24 8.73 -15.32 21.39
CA GLU A 24 8.57 -15.44 19.93
C GLU A 24 7.35 -14.64 19.47
N VAL A 25 6.23 -14.69 20.19
CA VAL A 25 4.99 -14.00 19.73
C VAL A 25 5.21 -12.50 19.83
N THR A 26 5.87 -12.01 20.88
CA THR A 26 6.10 -10.55 20.99
C THR A 26 7.05 -10.09 19.87
N LEU A 27 8.08 -10.86 19.54
CA LEU A 27 8.96 -10.47 18.39
C LEU A 27 8.14 -10.39 17.10
N LYS A 28 7.29 -11.37 16.80
CA LYS A 28 6.46 -11.41 15.56
C LYS A 28 5.58 -10.16 15.51
N ILE A 29 4.95 -9.78 16.62
CA ILE A 29 4.08 -8.57 16.62
C ILE A 29 4.94 -7.32 16.40
N ARG A 30 6.12 -7.24 16.99
CA ARG A 30 7.02 -6.10 16.77
C ARG A 30 7.44 -6.03 15.30
N GLN A 31 7.64 -7.18 14.66
CA GLN A 31 8.02 -7.23 13.23
C GLN A 31 6.86 -6.67 12.39
N SER A 32 5.60 -6.99 12.70
CA SER A 32 4.40 -6.44 12.04
C SER A 32 4.38 -4.93 12.20
N LEU A 33 4.63 -4.44 13.42
CA LEU A 33 4.70 -2.98 13.69
C LEU A 33 5.82 -2.36 12.85
N GLN A 34 7.00 -2.96 12.83
CA GLN A 34 8.16 -2.38 12.12
C GLN A 34 7.87 -2.35 10.61
N LEU A 35 7.34 -3.43 10.03
CA LEU A 35 6.97 -3.41 8.59
C LEU A 35 5.97 -2.28 8.30
N LYS A 36 4.92 -2.10 9.13
CA LYS A 36 3.91 -1.04 8.87
C LYS A 36 4.57 0.33 9.07
N GLU A 37 5.52 0.43 10.00
CA GLU A 37 6.25 1.71 10.19
C GLU A 37 7.09 2.03 8.94
N ILE A 38 7.74 1.03 8.38
CA ILE A 38 8.58 1.27 7.18
C ILE A 38 7.69 1.72 6.03
N LEU A 39 6.54 1.06 5.84
CA LEU A 39 5.58 1.43 4.77
C LEU A 39 5.05 2.85 5.04
N HIS A 40 4.69 3.18 6.28
CA HIS A 40 4.20 4.54 6.65
C HIS A 40 5.29 5.59 6.39
N THR A 41 6.50 5.36 6.87
CA THR A 41 7.65 6.26 6.62
C THR A 41 7.83 6.39 5.11
N THR A 42 7.74 5.32 4.36
CA THR A 42 7.93 5.38 2.89
C THR A 42 6.86 6.29 2.26
N VAL A 43 5.57 6.13 2.57
CA VAL A 43 4.53 6.99 1.94
C VAL A 43 4.68 8.44 2.41
N THR A 44 5.04 8.68 3.67
CA THR A 44 5.20 10.06 4.20
C THR A 44 6.42 10.74 3.56
N GLU A 45 7.52 10.03 3.46
CA GLU A 45 8.75 10.58 2.85
C GLU A 45 8.52 10.76 1.33
N VAL A 46 7.88 9.83 0.64
CA VAL A 46 7.62 10.00 -0.81
C VAL A 46 6.71 11.20 -1.01
N GLN A 47 5.72 11.39 -0.16
CA GLN A 47 4.85 12.57 -0.30
C GLN A 47 5.67 13.87 -0.14
N ARG A 48 6.55 13.95 0.86
CA ARG A 48 7.42 15.12 1.12
C ARG A 48 8.36 15.33 -0.07
N ILE A 49 9.02 14.27 -0.53
CA ILE A 49 10.04 14.36 -1.61
C ILE A 49 9.41 14.74 -2.93
N LEU A 50 8.22 14.20 -3.22
CA LEU A 50 7.54 14.52 -4.50
C LEU A 50 6.84 15.85 -4.40
N GLN A 51 6.62 16.31 -3.19
CA GLN A 51 5.66 17.40 -2.87
CA GLN A 51 5.68 17.43 -2.92
C GLN A 51 4.34 17.06 -3.56
N ALA A 52 3.91 15.80 -3.45
CA ALA A 52 2.57 15.35 -3.87
C ALA A 52 1.58 15.72 -2.78
N ASP A 53 0.28 15.71 -3.09
CA ASP A 53 -0.78 16.04 -2.10
C ASP A 53 -1.23 14.78 -1.34
N ARG A 54 -1.04 13.60 -1.93
CA ARG A 54 -1.33 12.33 -1.26
C ARG A 54 -0.44 11.23 -1.84
N VAL A 55 0.09 10.39 -0.97
CA VAL A 55 0.76 9.13 -1.39
C VAL A 55 0.14 8.01 -0.55
N LEU A 56 -0.22 6.89 -1.17
CA LEU A 56 -0.86 5.81 -0.38
C LEU A 56 -0.45 4.47 -0.95
N ILE A 57 -0.66 3.42 -0.14
CA ILE A 57 -0.57 2.00 -0.58
C ILE A 57 -1.98 1.42 -0.48
N TYR A 58 -2.52 1.01 -1.64
CA TYR A 58 -3.86 0.40 -1.76
C TYR A 58 -3.66 -1.12 -1.89
N HIS A 59 -4.21 -1.91 -0.96
CA HIS A 59 -4.09 -3.38 -0.94
C HIS A 59 -5.35 -3.98 -1.56
N VAL A 60 -5.19 -4.88 -2.50
CA VAL A 60 -6.33 -5.64 -3.08
C VAL A 60 -6.35 -7.04 -2.47
N LEU A 61 -7.56 -7.52 -2.19
CA LEU A 61 -7.83 -8.91 -1.73
C LEU A 61 -8.08 -9.77 -2.95
N PRO A 62 -8.00 -11.13 -2.89
CA PRO A 62 -8.15 -11.97 -4.08
C PRO A 62 -9.46 -11.81 -4.88
N ASP A 63 -10.51 -11.34 -4.22
CA ASP A 63 -11.83 -11.08 -4.88
C ASP A 63 -11.87 -9.65 -5.43
N GLY A 64 -10.74 -8.95 -5.39
CA GLY A 64 -10.58 -7.66 -6.05
C GLY A 64 -11.08 -6.51 -5.22
N THR A 65 -11.66 -6.73 -4.04
CA THR A 65 -11.98 -5.59 -3.13
C THR A 65 -10.67 -5.01 -2.61
N GLY A 66 -10.72 -3.83 -2.03
CA GLY A 66 -9.47 -3.17 -1.63
C GLY A 66 -9.61 -2.23 -0.45
N LYS A 67 -8.47 -1.87 0.13
CA LYS A 67 -8.42 -0.91 1.24
C LYS A 67 -7.05 -0.25 1.25
N THR A 68 -7.01 1.01 1.67
CA THR A 68 -5.76 1.80 1.88
C THR A 68 -5.07 1.31 3.14
N ILE A 69 -3.83 0.86 3.05
CA ILE A 69 -3.11 0.29 4.22
C ILE A 69 -2.10 1.32 4.76
N SER A 70 -1.63 2.26 3.92
CA SER A 70 -0.71 3.37 4.31
C SER A 70 -1.09 4.63 3.55
N GLU A 71 -1.02 5.79 4.19
CA GLU A 71 -1.35 7.07 3.52
C GLU A 71 -0.58 8.21 4.17
N SER A 72 -0.16 9.15 3.34
CA SER A 72 0.25 10.51 3.74
C SER A 72 -0.52 11.52 2.92
N VAL A 73 -1.33 12.37 3.56
CA VAL A 73 -2.20 13.31 2.81
C VAL A 73 -2.09 14.69 3.47
N LEU A 74 -1.99 15.73 2.65
CA LEU A 74 -2.03 17.11 3.18
C LEU A 74 -3.42 17.36 3.72
N PRO A 75 -3.54 18.17 4.79
CA PRO A 75 -4.79 18.22 5.57
C PRO A 75 -5.95 18.88 4.82
N ASP A 76 -5.67 19.58 3.72
CA ASP A 76 -6.69 20.23 2.86
C ASP A 76 -7.49 19.20 2.06
N TYR A 77 -7.10 17.91 2.08
CA TYR A 77 -7.66 16.91 1.13
C TYR A 77 -8.13 15.69 1.90
N PRO A 78 -9.16 14.99 1.40
CA PRO A 78 -9.71 13.84 2.10
C PRO A 78 -8.71 12.71 2.35
N THR A 79 -8.88 12.02 3.48
CA THR A 79 -8.13 10.80 3.86
C THR A 79 -8.83 9.59 3.28
N LEU A 80 -8.07 8.71 2.63
CA LEU A 80 -8.59 7.39 2.19
C LEU A 80 -8.31 6.30 3.22
N MET A 81 -7.65 6.60 4.33
CA MET A 81 -7.20 5.53 5.27
C MET A 81 -8.32 4.53 5.66
N ASP A 82 -9.51 4.99 6.01
CA ASP A 82 -10.48 4.05 6.68
C ASP A 82 -11.35 3.36 5.62
N LEU A 83 -11.10 3.62 4.35
CA LEU A 83 -12.16 3.36 3.34
C LEU A 83 -11.88 2.00 2.72
N GLU A 84 -12.95 1.22 2.61
CA GLU A 84 -12.92 -0.06 1.90
C GLU A 84 -13.72 0.16 0.63
N PHE A 85 -13.29 -0.46 -0.47
CA PHE A 85 -14.01 -0.30 -1.76
C PHE A 85 -14.22 -1.66 -2.37
N PRO A 86 -15.34 -1.79 -3.11
CA PRO A 86 -15.63 -3.01 -3.85
C PRO A 86 -14.72 -3.13 -5.08
N GLN A 87 -14.82 -4.28 -5.70
CA GLN A 87 -14.07 -4.67 -6.92
C GLN A 87 -14.34 -3.63 -8.02
N GLU A 88 -15.54 -3.05 -8.11
CA GLU A 88 -15.88 -2.18 -9.27
C GLU A 88 -15.01 -0.91 -9.32
N VAL A 89 -14.42 -0.43 -8.23
CA VAL A 89 -13.58 0.81 -8.34
C VAL A 89 -12.27 0.51 -9.08
N PHE A 90 -11.88 -0.74 -9.19
CA PHE A 90 -10.59 -1.19 -9.80
C PHE A 90 -10.82 -2.60 -10.31
N PRO A 91 -11.40 -2.70 -11.51
CA PRO A 91 -11.82 -3.99 -12.06
C PRO A 91 -10.73 -5.07 -12.14
N GLN A 92 -11.13 -6.32 -11.88
CA GLN A 92 -10.15 -7.43 -11.82
C GLN A 92 -9.42 -7.54 -13.17
N GLU A 93 -10.03 -7.19 -14.29
CA GLU A 93 -9.30 -7.24 -15.59
C GLU A 93 -8.06 -6.33 -15.51
N TYR A 94 -8.21 -5.15 -14.90
CA TYR A 94 -7.10 -4.18 -14.75
C TYR A 94 -6.17 -4.63 -13.61
N GLN A 95 -6.70 -5.24 -12.53
CA GLN A 95 -5.81 -5.83 -11.51
C GLN A 95 -4.85 -6.80 -12.20
N GLN A 96 -5.31 -7.58 -13.19
CA GLN A 96 -4.42 -8.54 -13.88
C GLN A 96 -3.38 -7.81 -14.72
N LEU A 97 -3.75 -6.72 -15.39
CA LEU A 97 -2.77 -5.96 -16.21
C LEU A 97 -1.69 -5.37 -15.28
N TYR A 98 -2.07 -4.96 -14.07
CA TYR A 98 -1.11 -4.44 -13.06
C TYR A 98 -0.22 -5.57 -12.57
N ALA A 99 -0.78 -6.77 -12.36
CA ALA A 99 0.04 -7.94 -11.96
C ALA A 99 1.12 -8.15 -13.03
N GLN A 100 0.81 -7.87 -14.31
CA GLN A 100 1.72 -8.07 -15.47
C GLN A 100 2.55 -6.80 -15.73
N GLY A 101 2.49 -5.80 -14.83
CA GLY A 101 3.43 -4.65 -14.79
C GLY A 101 2.92 -3.36 -15.37
N ARG A 102 1.62 -3.25 -15.66
CA ARG A 102 1.01 -1.98 -16.11
C ARG A 102 1.43 -0.87 -15.13
N VAL A 103 1.74 0.33 -15.64
CA VAL A 103 1.89 1.57 -14.82
C VAL A 103 1.04 2.65 -15.46
N ARG A 104 0.71 3.69 -14.72
CA ARG A 104 0.04 4.86 -15.32
C ARG A 104 0.66 6.10 -14.71
N ALA A 105 0.86 7.11 -15.52
CA ALA A 105 1.24 8.46 -15.05
C ALA A 105 0.28 9.41 -15.76
N ILE A 106 -0.72 9.89 -15.04
CA ILE A 106 -1.80 10.74 -15.62
C ILE A 106 -1.65 12.15 -15.09
N ALA A 107 -1.33 13.10 -15.97
CA ALA A 107 -1.06 14.50 -15.64
C ALA A 107 -2.36 15.19 -15.27
N ASP A 108 -3.46 14.76 -15.90
CA ASP A 108 -4.75 15.49 -15.82
C ASP A 108 -5.90 14.49 -16.01
N VAL A 109 -6.50 14.07 -14.91
CA VAL A 109 -7.56 13.02 -14.98
C VAL A 109 -8.77 13.54 -15.77
N HIS A 110 -8.94 14.87 -15.88
CA HIS A 110 -10.12 15.50 -16.54
C HIS A 110 -9.87 15.69 -18.04
N ASP A 111 -8.66 15.39 -18.52
CA ASP A 111 -8.29 15.43 -19.96
C ASP A 111 -8.84 14.22 -20.69
N PRO A 112 -9.77 14.41 -21.65
CA PRO A 112 -10.40 13.28 -22.32
C PRO A 112 -9.39 12.34 -23.01
N THR A 113 -8.23 12.84 -23.43
CA THR A 113 -7.25 11.99 -24.14
C THR A 113 -6.58 11.02 -23.15
N ALA A 114 -6.70 11.21 -21.83
CA ALA A 114 -6.15 10.23 -20.88
C ALA A 114 -7.05 8.97 -20.87
N GLY A 115 -8.29 9.05 -21.36
CA GLY A 115 -9.13 7.87 -21.66
C GLY A 115 -9.80 7.25 -20.42
N LEU A 116 -9.88 7.96 -19.30
CA LEU A 116 -10.40 7.33 -18.05
C LEU A 116 -11.91 7.17 -18.18
N ALA A 117 -12.43 6.03 -17.73
CA ALA A 117 -13.88 5.79 -17.49
C ALA A 117 -14.48 7.03 -16.83
N GLU A 118 -15.68 7.45 -17.25
CA GLU A 118 -16.38 8.59 -16.62
C GLU A 118 -16.54 8.29 -15.13
N CYS A 119 -16.95 7.08 -14.79
CA CYS A 119 -17.22 6.72 -13.36
C CYS A 119 -15.92 6.79 -12.52
N LEU A 120 -14.79 6.46 -13.15
CA LEU A 120 -13.45 6.56 -12.49
C LEU A 120 -13.07 8.04 -12.28
N VAL A 121 -13.31 8.90 -13.28
CA VAL A 121 -13.07 10.36 -13.06
C VAL A 121 -13.93 10.85 -11.89
N GLU A 122 -15.21 10.45 -11.84
CA GLU A 122 -16.11 10.83 -10.71
C GLU A 122 -15.55 10.33 -9.37
N PHE A 123 -15.01 9.14 -9.35
CA PHE A 123 -14.48 8.52 -8.11
C PHE A 123 -13.28 9.32 -7.64
N VAL A 124 -12.33 9.60 -8.52
CA VAL A 124 -11.08 10.29 -8.07
C VAL A 124 -11.43 11.74 -7.68
N ASP A 125 -12.47 12.31 -8.27
CA ASP A 125 -12.97 13.65 -7.87
C ASP A 125 -13.41 13.65 -6.40
N GLN A 126 -13.86 12.53 -5.86
CA GLN A 126 -14.30 12.44 -4.43
C GLN A 126 -13.14 12.86 -3.53
N PHE A 127 -11.91 12.61 -4.00
CA PHE A 127 -10.67 12.83 -3.19
C PHE A 127 -9.88 14.05 -3.74
N HIS A 128 -10.48 14.88 -4.60
CA HIS A 128 -9.90 16.15 -5.12
CA HIS A 128 -9.90 16.15 -5.14
C HIS A 128 -8.68 15.82 -6.00
N ILE A 129 -8.66 14.64 -6.61
CA ILE A 129 -7.49 14.18 -7.42
C ILE A 129 -7.53 14.87 -8.79
N LYS A 130 -6.42 15.48 -9.21
CA LYS A 130 -6.24 16.05 -10.57
C LYS A 130 -5.28 15.20 -11.39
N ALA A 131 -4.28 14.60 -10.77
CA ALA A 131 -3.16 13.87 -11.41
C ALA A 131 -2.89 12.62 -10.57
N LYS A 132 -2.58 11.49 -11.20
CA LYS A 132 -2.26 10.25 -10.45
C LYS A 132 -1.16 9.45 -11.14
N LEU A 133 -0.28 8.91 -10.31
CA LEU A 133 0.82 8.03 -10.71
C LEU A 133 0.64 6.70 -9.99
N ILE A 134 0.58 5.60 -10.74
CA ILE A 134 0.14 4.26 -10.29
C ILE A 134 1.18 3.23 -10.65
N VAL A 135 1.72 2.52 -9.65
CA VAL A 135 2.64 1.39 -9.90
C VAL A 135 2.21 0.20 -9.07
N PRO A 136 2.35 -1.01 -9.60
CA PRO A 136 1.96 -2.21 -8.87
C PRO A 136 2.98 -2.77 -7.87
N ILE A 137 2.36 -3.41 -6.87
CA ILE A 137 2.98 -4.26 -5.84
C ILE A 137 2.42 -5.67 -6.05
N VAL A 138 3.29 -6.64 -6.24
CA VAL A 138 2.87 -8.02 -6.59
C VAL A 138 3.43 -8.97 -5.52
N GLN A 139 2.94 -10.21 -5.48
CA GLN A 139 3.49 -11.27 -4.59
C GLN A 139 3.70 -12.56 -5.40
N ASN A 147 2.90 -14.02 -11.12
CA ASN A 147 2.70 -12.90 -10.13
C ASN A 147 1.21 -12.61 -9.92
N GLN A 148 0.81 -12.40 -8.69
CA GLN A 148 -0.54 -11.94 -8.29
C GLN A 148 -0.40 -10.48 -7.81
N LEU A 149 -1.36 -9.64 -8.12
CA LEU A 149 -1.36 -8.26 -7.56
C LEU A 149 -1.67 -8.29 -6.06
N TRP A 150 -0.82 -7.62 -5.28
CA TRP A 150 -1.05 -7.37 -3.84
C TRP A 150 -1.58 -5.95 -3.64
N GLY A 151 -1.16 -5.00 -4.47
CA GLY A 151 -1.70 -3.63 -4.31
C GLY A 151 -1.00 -2.63 -5.21
N LEU A 152 -1.20 -1.36 -4.91
CA LEU A 152 -0.75 -0.23 -5.75
C LEU A 152 -0.04 0.75 -4.83
N LEU A 153 1.08 1.28 -5.30
CA LEU A 153 1.67 2.47 -4.70
C LEU A 153 1.26 3.66 -5.58
N ILE A 154 0.63 4.63 -4.98
CA ILE A 154 -0.08 5.71 -5.73
C ILE A 154 0.35 7.07 -5.21
N ALA A 155 0.62 8.00 -6.11
CA ALA A 155 0.80 9.43 -5.80
C ALA A 155 -0.30 10.20 -6.50
N HIS A 156 -0.88 11.17 -5.78
CA HIS A 156 -1.88 12.09 -6.32
C HIS A 156 -1.39 13.52 -6.19
N GLN A 157 -1.68 14.32 -7.20
CA GLN A 157 -1.72 15.79 -7.06
C GLN A 157 -3.19 16.22 -7.04
N CYS A 158 -3.52 17.09 -6.09
CA CYS A 158 -4.90 17.56 -5.85
C CYS A 158 -5.02 19.06 -6.13
N ASP A 159 -3.95 19.85 -5.93
CA ASP A 159 -4.01 21.32 -6.10
C ASP A 159 -3.96 21.68 -7.57
N SER A 160 -3.36 20.85 -8.41
CA SER A 160 -3.02 21.20 -9.80
C SER A 160 -2.81 19.94 -10.63
N VAL A 161 -3.01 20.03 -11.94
CA VAL A 161 -2.48 19.04 -12.90
C VAL A 161 -0.96 18.95 -12.73
N ARG A 162 -0.41 17.81 -13.08
CA ARG A 162 1.03 17.56 -12.83
C ARG A 162 1.57 16.69 -13.94
N GLN A 163 2.54 17.22 -14.67
CA GLN A 163 3.32 16.44 -15.63
C GLN A 163 4.32 15.62 -14.81
N TRP A 164 4.06 14.34 -14.64
CA TRP A 164 4.98 13.40 -13.96
C TRP A 164 6.21 13.23 -14.84
N VAL A 165 7.37 13.15 -14.22
CA VAL A 165 8.69 12.94 -14.88
C VAL A 165 9.00 11.45 -14.86
N ASP A 166 9.62 10.95 -15.92
CA ASP A 166 9.98 9.51 -16.04
C ASP A 166 10.66 9.00 -14.76
N PHE A 167 11.61 9.71 -14.15
CA PHE A 167 12.31 9.17 -12.96
C PHE A 167 11.33 8.98 -11.80
N GLU A 168 10.26 9.76 -11.74
CA GLU A 168 9.29 9.65 -10.62
C GLU A 168 8.59 8.28 -10.81
N LEU A 169 8.17 7.99 -12.02
CA LEU A 169 7.53 6.68 -12.34
C LEU A 169 8.53 5.53 -12.09
N GLU A 170 9.78 5.67 -12.52
CA GLU A 170 10.80 4.59 -12.43
C GLU A 170 11.13 4.30 -10.97
N LEU A 171 11.33 5.33 -10.17
CA LEU A 171 11.74 5.12 -8.76
C LEU A 171 10.51 4.72 -7.91
N MET A 172 9.31 5.22 -8.20
CA MET A 172 8.08 4.66 -7.57
C MET A 172 7.99 3.15 -7.87
N GLN A 173 8.24 2.73 -9.10
CA GLN A 173 8.22 1.29 -9.46
C GLN A 173 9.29 0.56 -8.65
N GLN A 174 10.49 1.13 -8.52
CA GLN A 174 11.57 0.45 -7.77
C GLN A 174 11.18 0.30 -6.31
N LEU A 175 10.54 1.31 -5.68
CA LEU A 175 10.05 1.17 -4.29
C LEU A 175 9.02 0.04 -4.18
N ALA A 176 8.02 0.01 -5.09
CA ALA A 176 6.95 -0.99 -5.10
C ALA A 176 7.57 -2.38 -5.29
N ASP A 177 8.59 -2.50 -6.16
CA ASP A 177 9.29 -3.79 -6.39
C ASP A 177 9.94 -4.29 -5.08
N GLN A 178 10.50 -3.39 -4.25
CA GLN A 178 11.09 -3.82 -2.96
C GLN A 178 9.97 -4.20 -2.00
N ILE A 179 8.82 -3.55 -2.05
CA ILE A 179 7.67 -3.98 -1.20
C ILE A 179 7.26 -5.40 -1.63
N SER A 180 7.24 -5.66 -2.93
CA SER A 180 6.92 -6.98 -3.58
C SER A 180 7.88 -8.07 -3.10
N ILE A 181 9.15 -7.80 -3.10
CA ILE A 181 10.18 -8.74 -2.56
C ILE A 181 9.90 -9.06 -1.08
N ALA A 182 9.71 -8.05 -0.23
CA ALA A 182 9.36 -8.22 1.20
C ALA A 182 8.18 -9.15 1.32
N LEU A 183 7.04 -8.74 0.74
CA LEU A 183 5.78 -9.53 0.75
C LEU A 183 5.98 -10.91 0.10
N SER A 184 7.10 -11.18 -0.60
CA SER A 184 7.34 -12.50 -1.25
C SER A 184 8.51 -13.24 -0.57
N GLN A 185 9.76 -12.82 -0.77
CA GLN A 185 10.95 -13.67 -0.51
C GLN A 185 11.13 -13.89 1.00
N ALA A 186 10.95 -12.85 1.82
CA ALA A 186 10.98 -12.94 3.29
C ALA A 186 9.70 -13.63 3.81
N GLN A 187 8.65 -13.74 2.96
CA GLN A 187 7.33 -14.25 3.34
C GLN A 187 6.82 -13.47 4.54
N LEU A 188 6.92 -12.14 4.43
CA LEU A 188 6.57 -11.13 5.46
C LEU A 188 5.17 -10.62 5.13
CHA CYC B . -9.44 1.60 -13.47
NA CYC B . -9.46 2.35 -11.10
C1A CYC B . -8.84 2.05 -12.29
C2A CYC B . -7.40 2.22 -12.17
C3A CYC B . -7.16 2.64 -10.91
C4A CYC B . -8.46 2.74 -10.23
CMA CYC B . -5.82 2.89 -10.27
CAA CYC B . -6.42 1.92 -13.29
CBA CYC B . -6.35 3.01 -14.36
CGA CYC B . -5.55 2.61 -15.59
O1A CYC B . -4.57 1.86 -15.40
O2A CYC B . -5.94 2.99 -16.73
CHB CYC B . -8.68 3.13 -8.91
NB CYC B . -7.07 4.97 -8.51
C1B CYC B . -7.99 3.99 -8.09
C2B CYC B . -8.06 4.02 -6.69
C3B CYC B . -7.31 5.06 -6.23
C4B CYC B . -6.65 5.71 -7.41
CMB CYC B . -8.84 3.08 -5.81
CAB CYC B . -7.18 5.59 -4.84
CBB CYC B . -7.99 6.86 -4.68
OB CYC B . -5.99 6.73 -7.46
NC CYC B . -13.85 2.92 -11.26
C1C CYC B . -14.49 3.61 -10.30
C2C CYC B . -15.98 3.55 -10.58
C3C CYC B . -16.12 2.39 -11.58
C4C CYC B . -14.71 2.25 -12.12
CMC CYC B . -16.80 3.41 -9.32
CAC CYC B . -17.17 2.57 -12.69
CBC CYC B . -18.57 2.61 -12.11
OC CYC B . -13.94 4.16 -9.36
CHD CYC B . -14.34 1.61 -13.26
ND CYC B . -11.87 1.78 -13.08
C1D CYC B . -13.02 1.48 -13.76
C2D CYC B . -12.64 1.00 -15.06
C3D CYC B . -11.27 1.04 -15.13
C4D CYC B . -10.77 1.48 -13.85
CMD CYC B . -13.58 0.62 -16.16
CAD CYC B . -10.43 0.63 -16.32
CBD CYC B . -9.73 1.78 -17.03
CGD CYC B . -10.63 2.84 -17.67
O1D CYC B . -10.39 4.03 -17.42
O2D CYC B . -11.59 2.47 -18.37
#